data_8YQ1
#
_entry.id   8YQ1
#
_cell.length_a   73.845
_cell.length_b   73.845
_cell.length_c   227.807
_cell.angle_alpha   90.00
_cell.angle_beta   90.00
_cell.angle_gamma   120.00
#
_symmetry.space_group_name_H-M   'P 65 2 2'
#
loop_
_entity.id
_entity.type
_entity.pdbx_description
1 polymer 'Fibroblast growth factor 10'
2 water water
#
_entity_poly.entity_id   1
_entity_poly.type   'polypeptide(L)'
_entity_poly.pdbx_seq_one_letter_code
;HVRSYNHLQGDVRWRKLFSFTKYFLKIEKNGKVSGTKKENCPYSILEITSVEIGVVAVKAINSNYYLAMNKKGKLYGSKE
FNNDCKLKERIEENGYNTYASFNWQHNGRQMYVALNGKGAPRRGQKTRRKNTSAHFLPMVVH
;
_entity_poly.pdbx_strand_id   A,B
#
# COMPACT_ATOMS: atom_id res chain seq x y z
N SER A 4 -28.70 -1.20 -0.92
CA SER A 4 -28.89 -2.43 -0.10
C SER A 4 -28.17 -3.61 -0.76
N TYR A 5 -27.19 -4.22 -0.07
CA TYR A 5 -26.26 -5.17 -0.68
C TYR A 5 -26.46 -6.59 -0.15
N ASN A 6 -26.06 -7.60 -0.94
CA ASN A 6 -26.05 -8.97 -0.50
C ASN A 6 -24.70 -9.65 -0.82
N HIS A 7 -24.52 -10.90 -0.33
CA HIS A 7 -23.30 -11.67 -0.54
C HIS A 7 -23.65 -13.15 -0.72
N LEU A 8 -22.69 -13.96 -1.22
CA LEU A 8 -22.90 -15.39 -1.31
C LEU A 8 -22.65 -16.00 0.07
N GLN A 9 -23.10 -17.25 0.29
CA GLN A 9 -22.74 -18.01 1.48
C GLN A 9 -21.22 -18.04 1.57
N GLY A 10 -20.67 -17.69 2.73
CA GLY A 10 -19.23 -17.69 2.89
C GLY A 10 -18.73 -16.84 4.03
N ASP A 11 -17.41 -16.71 4.09
CA ASP A 11 -16.75 -15.94 5.11
C ASP A 11 -16.49 -14.55 4.54
N VAL A 12 -17.11 -13.56 5.17
CA VAL A 12 -17.12 -12.17 4.74
C VAL A 12 -16.04 -11.40 5.49
N ARG A 13 -15.39 -10.45 4.80
CA ARG A 13 -14.60 -9.44 5.49
C ARG A 13 -14.63 -8.15 4.67
N TRP A 14 -14.45 -7.02 5.35
CA TRP A 14 -14.57 -5.68 4.77
C TRP A 14 -13.19 -5.06 4.62
N ARG A 15 -12.85 -4.62 3.40
CA ARG A 15 -11.51 -4.13 3.11
C ARG A 15 -11.54 -3.06 2.00
N LYS A 16 -10.51 -2.20 2.03
CA LYS A 16 -10.03 -1.49 0.84
C LYS A 16 -8.86 -2.28 0.24
N LEU A 17 -8.74 -2.28 -1.09
CA LEU A 17 -7.58 -2.89 -1.73
C LEU A 17 -6.69 -1.82 -2.37
N PHE A 18 -5.46 -1.70 -1.88
CA PHE A 18 -4.58 -0.62 -2.28
C PHE A 18 -3.39 -1.20 -3.04
N SER A 19 -3.28 -0.84 -4.33
CA SER A 19 -2.21 -1.42 -5.14
C SER A 19 -0.89 -0.77 -4.79
N PHE A 20 0.17 -1.48 -5.09
CA PHE A 20 1.53 -1.01 -4.92
C PHE A 20 1.78 0.13 -5.93
N THR A 21 0.90 0.27 -6.93
CA THR A 21 0.89 1.46 -7.77
C THR A 21 0.21 2.64 -7.09
N LYS A 22 -0.21 2.45 -5.83
CA LYS A 22 -0.66 3.51 -4.91
C LYS A 22 -2.06 3.99 -5.26
N TYR A 23 -2.91 3.11 -5.82
CA TYR A 23 -4.34 3.39 -5.90
C TYR A 23 -5.18 2.42 -5.06
N PHE A 24 -6.25 2.96 -4.46
CA PHE A 24 -7.40 2.19 -4.01
C PHE A 24 -8.28 1.80 -5.19
N LEU A 25 -8.66 0.52 -5.23
CA LEU A 25 -9.55 -0.01 -6.25
C LEU A 25 -10.99 0.38 -5.94
N LYS A 26 -11.72 0.84 -6.98
CA LYS A 26 -13.12 1.18 -6.86
C LYS A 26 -13.85 0.74 -8.12
N ILE A 27 -15.17 0.61 -7.96
CA ILE A 27 -16.09 0.44 -9.08
C ILE A 27 -17.15 1.52 -8.95
N GLU A 28 -17.20 2.43 -9.93
CA GLU A 28 -18.16 3.54 -9.90
C GLU A 28 -19.54 3.03 -10.33
N LYS A 29 -20.57 3.83 -9.98
CA LYS A 29 -22.00 3.62 -10.27
C LYS A 29 -22.28 3.17 -11.71
N ASN A 30 -21.33 3.43 -12.63
CA ASN A 30 -21.39 2.99 -14.02
C ASN A 30 -20.74 1.62 -14.24
N GLY A 31 -20.28 0.97 -13.16
CA GLY A 31 -19.62 -0.32 -13.28
C GLY A 31 -18.20 -0.24 -13.86
N LYS A 32 -17.60 0.96 -13.90
CA LYS A 32 -16.25 1.06 -14.45
C LYS A 32 -15.29 0.89 -13.26
N VAL A 33 -14.23 0.11 -13.51
CA VAL A 33 -13.26 -0.30 -12.51
C VAL A 33 -12.00 0.55 -12.69
N SER A 34 -11.59 1.28 -11.63
CA SER A 34 -10.49 2.24 -11.72
C SER A 34 -9.77 2.24 -10.38
N GLY A 35 -8.67 3.00 -10.31
CA GLY A 35 -8.00 3.35 -9.05
C GLY A 35 -8.26 4.81 -8.66
N THR A 36 -8.16 5.12 -7.36
CA THR A 36 -8.25 6.49 -6.88
C THR A 36 -7.20 6.70 -5.80
N LYS A 37 -6.76 7.96 -5.71
CA LYS A 37 -5.87 8.37 -4.65
C LYS A 37 -6.69 8.71 -3.42
N LYS A 38 -8.01 8.83 -3.59
CA LYS A 38 -8.90 9.26 -2.52
C LYS A 38 -9.00 8.17 -1.44
N GLU A 39 -8.51 8.47 -0.23
CA GLU A 39 -8.65 7.61 0.95
C GLU A 39 -10.07 7.55 1.50
N ASN A 40 -11.00 8.30 0.90
CA ASN A 40 -12.29 8.65 1.48
C ASN A 40 -13.42 8.11 0.60
N CYS A 41 -13.08 7.36 -0.46
CA CYS A 41 -14.01 7.18 -1.57
C CYS A 41 -14.90 5.98 -1.28
N PRO A 42 -16.23 6.17 -1.25
CA PRO A 42 -17.14 5.11 -0.80
C PRO A 42 -17.28 3.97 -1.80
N TYR A 43 -16.93 4.21 -3.06
CA TYR A 43 -16.89 3.17 -4.09
C TYR A 43 -15.63 2.32 -3.98
N SER A 44 -14.82 2.54 -2.94
CA SER A 44 -13.64 1.73 -2.72
C SER A 44 -13.84 0.82 -1.50
N ILE A 45 -15.05 0.79 -0.94
CA ILE A 45 -15.34 -0.09 0.20
C ILE A 45 -15.86 -1.40 -0.35
N LEU A 46 -15.11 -2.49 -0.07
CA LEU A 46 -15.41 -3.79 -0.65
C LEU A 46 -15.78 -4.80 0.42
N GLU A 47 -16.74 -5.64 0.02
CA GLU A 47 -17.01 -6.87 0.76
C GLU A 47 -16.39 -8.02 -0.01
N ILE A 48 -15.44 -8.66 0.66
CA ILE A 48 -14.82 -9.86 0.11
C ILE A 48 -15.41 -11.06 0.85
N THR A 49 -16.02 -12.00 0.10
CA THR A 49 -16.49 -13.24 0.70
C THR A 49 -15.79 -14.47 0.11
N SER A 50 -15.21 -15.26 1.00
CA SER A 50 -14.62 -16.52 0.60
C SER A 50 -15.74 -17.55 0.47
N VAL A 51 -15.79 -18.21 -0.69
CA VAL A 51 -16.83 -19.19 -0.96
C VAL A 51 -16.22 -20.59 -0.99
N GLU A 52 -14.98 -20.73 -1.46
CA GLU A 52 -14.24 -21.95 -1.17
C GLU A 52 -12.79 -21.58 -0.91
N ILE A 53 -11.93 -22.57 -0.63
CA ILE A 53 -10.53 -22.29 -0.34
C ILE A 53 -9.94 -21.46 -1.48
N GLY A 54 -9.34 -20.33 -1.11
CA GLY A 54 -8.67 -19.42 -2.01
C GLY A 54 -9.58 -18.78 -3.05
N VAL A 55 -10.92 -18.91 -2.91
CA VAL A 55 -11.81 -18.37 -3.93
C VAL A 55 -12.74 -17.31 -3.33
N VAL A 56 -12.76 -16.12 -3.94
CA VAL A 56 -13.53 -15.01 -3.42
C VAL A 56 -14.38 -14.37 -4.52
N ALA A 57 -15.39 -13.65 -4.05
CA ALA A 57 -16.17 -12.70 -4.82
C ALA A 57 -16.06 -11.33 -4.14
N VAL A 58 -15.64 -10.33 -4.91
CA VAL A 58 -15.34 -9.01 -4.37
C VAL A 58 -16.41 -8.03 -4.85
N LYS A 59 -17.18 -7.46 -3.92
CA LYS A 59 -18.26 -6.56 -4.31
C LYS A 59 -18.01 -5.15 -3.80
N ALA A 60 -18.20 -4.17 -4.67
CA ALA A 60 -18.21 -2.79 -4.23
C ALA A 60 -19.62 -2.48 -3.69
N ILE A 61 -19.72 -2.51 -2.36
CA ILE A 61 -20.91 -2.22 -1.57
C ILE A 61 -21.70 -1.06 -2.21
N ASN A 62 -21.09 0.13 -2.35
CA ASN A 62 -21.88 1.35 -2.52
C ASN A 62 -22.22 1.58 -3.98
N SER A 63 -21.66 0.78 -4.91
CA SER A 63 -22.17 0.73 -6.27
C SER A 63 -22.95 -0.56 -6.56
N ASN A 64 -22.83 -1.59 -5.70
CA ASN A 64 -23.39 -2.92 -5.94
C ASN A 64 -22.89 -3.52 -7.26
N TYR A 65 -21.57 -3.64 -7.38
CA TYR A 65 -20.99 -4.39 -8.49
C TYR A 65 -19.93 -5.34 -7.97
N TYR A 66 -19.84 -6.48 -8.66
CA TYR A 66 -18.80 -7.47 -8.41
C TYR A 66 -17.62 -7.11 -9.32
N LEU A 67 -16.42 -7.20 -8.74
CA LEU A 67 -15.21 -7.15 -9.52
C LEU A 67 -15.14 -8.42 -10.38
N ALA A 68 -15.18 -8.26 -11.70
CA ALA A 68 -15.16 -9.40 -12.60
C ALA A 68 -14.03 -9.26 -13.63
N MET A 69 -13.69 -10.37 -14.26
CA MET A 69 -12.83 -10.34 -15.42
C MET A 69 -13.33 -11.39 -16.44
N ASN A 70 -13.26 -11.01 -17.71
CA ASN A 70 -13.87 -11.81 -18.76
C ASN A 70 -12.79 -12.60 -19.50
N LYS A 71 -13.23 -13.49 -20.40
CA LYS A 71 -12.36 -14.39 -21.15
C LYS A 71 -11.26 -13.61 -21.85
N LYS A 72 -11.63 -12.47 -22.43
CA LYS A 72 -10.69 -11.62 -23.16
C LYS A 72 -9.76 -10.92 -22.18
N GLY A 73 -10.12 -10.83 -20.89
CA GLY A 73 -9.19 -10.35 -19.86
C GLY A 73 -9.40 -8.90 -19.46
N LYS A 74 -10.59 -8.35 -19.69
CA LYS A 74 -10.93 -7.00 -19.24
C LYS A 74 -11.56 -7.05 -17.85
N LEU A 75 -11.06 -6.21 -16.93
CA LEU A 75 -11.80 -5.91 -15.72
C LEU A 75 -13.09 -5.17 -16.08
N TYR A 76 -14.17 -5.50 -15.37
CA TYR A 76 -15.44 -4.81 -15.49
C TYR A 76 -16.24 -5.03 -14.23
N GLY A 77 -17.29 -4.21 -14.07
CA GLY A 77 -18.23 -4.33 -12.98
C GLY A 77 -19.48 -5.12 -13.39
N SER A 78 -19.87 -6.09 -12.55
CA SER A 78 -20.97 -6.99 -12.82
C SER A 78 -22.04 -6.83 -11.74
N LYS A 79 -23.27 -6.53 -12.18
CA LYS A 79 -24.37 -6.35 -11.25
C LYS A 79 -24.72 -7.67 -10.59
N GLU A 80 -24.81 -8.74 -11.40
CA GLU A 80 -25.11 -10.07 -10.89
C GLU A 80 -23.81 -10.84 -10.75
N PHE A 81 -23.70 -11.65 -9.69
CA PHE A 81 -22.65 -12.65 -9.60
C PHE A 81 -22.67 -13.60 -10.80
N ASN A 82 -21.48 -13.92 -11.32
CA ASN A 82 -21.35 -14.90 -12.39
C ASN A 82 -19.92 -15.45 -12.37
N ASN A 83 -19.56 -16.26 -13.35
CA ASN A 83 -18.31 -17.02 -13.29
C ASN A 83 -17.09 -16.09 -13.45
N ASP A 84 -17.32 -14.91 -14.01
CA ASP A 84 -16.28 -13.91 -14.13
C ASP A 84 -15.95 -13.32 -12.76
N CYS A 85 -16.84 -13.49 -11.79
CA CYS A 85 -16.66 -12.84 -10.50
C CYS A 85 -15.90 -13.73 -9.52
N LYS A 86 -15.58 -14.98 -9.93
CA LYS A 86 -14.78 -15.87 -9.08
C LYS A 86 -13.32 -15.49 -9.20
N LEU A 87 -12.63 -15.23 -8.08
CA LEU A 87 -11.24 -14.81 -8.17
C LEU A 87 -10.37 -15.63 -7.23
N LYS A 88 -9.13 -15.90 -7.66
CA LYS A 88 -8.19 -16.65 -6.86
C LYS A 88 -7.44 -15.65 -5.99
N GLU A 89 -7.65 -15.74 -4.67
CA GLU A 89 -6.99 -14.83 -3.77
C GLU A 89 -5.79 -15.56 -3.16
N ARG A 90 -4.59 -15.09 -3.50
CA ARG A 90 -3.35 -15.72 -3.06
C ARG A 90 -2.73 -14.77 -2.03
N ILE A 91 -2.59 -15.24 -0.79
CA ILE A 91 -1.93 -14.46 0.26
C ILE A 91 -0.43 -14.70 0.15
N GLU A 92 0.32 -13.67 -0.20
CA GLU A 92 1.68 -13.82 -0.67
C GLU A 92 2.68 -13.77 0.48
N GLU A 93 3.86 -14.36 0.25
CA GLU A 93 5.17 -13.84 0.66
C GLU A 93 5.14 -13.06 1.97
N ASN A 94 5.10 -11.72 1.86
CA ASN A 94 5.17 -10.86 3.02
C ASN A 94 4.28 -9.67 2.74
N GLY A 95 3.02 -9.86 3.07
CA GLY A 95 2.21 -8.80 3.61
C GLY A 95 1.14 -8.34 2.63
N TYR A 96 1.06 -8.93 1.43
CA TYR A 96 0.10 -8.47 0.44
C TYR A 96 -0.56 -9.64 -0.28
N ASN A 97 -1.54 -9.32 -1.17
CA ASN A 97 -2.37 -10.31 -1.82
C ASN A 97 -2.38 -10.10 -3.33
N THR A 98 -2.73 -11.18 -4.07
CA THR A 98 -3.01 -11.14 -5.50
C THR A 98 -4.37 -11.77 -5.74
N TYR A 99 -4.94 -11.39 -6.89
CA TYR A 99 -6.29 -11.72 -7.33
C TYR A 99 -6.26 -12.06 -8.81
N ALA A 100 -6.33 -13.37 -9.09
CA ALA A 100 -6.38 -13.85 -10.46
C ALA A 100 -7.79 -14.26 -10.81
N SER A 101 -8.09 -14.21 -12.12
CA SER A 101 -9.25 -14.88 -12.68
C SER A 101 -9.23 -16.35 -12.27
N PHE A 102 -10.32 -16.82 -11.68
CA PHE A 102 -10.45 -18.22 -11.34
C PHE A 102 -10.67 -19.04 -12.61
N ASN A 103 -11.54 -18.55 -13.51
CA ASN A 103 -12.02 -19.30 -14.64
C ASN A 103 -11.10 -19.21 -15.86
N TRP A 104 -10.38 -18.08 -16.06
CA TRP A 104 -9.78 -17.77 -17.35
C TRP A 104 -8.25 -17.68 -17.28
N GLN A 105 -7.56 -18.34 -18.21
CA GLN A 105 -6.10 -18.27 -18.29
C GLN A 105 -5.70 -17.61 -19.62
N HIS A 106 -4.42 -17.23 -19.71
CA HIS A 106 -3.83 -16.90 -20.98
C HIS A 106 -2.55 -17.70 -21.13
N ASN A 107 -2.60 -18.62 -22.12
CA ASN A 107 -1.50 -19.47 -22.51
C ASN A 107 -0.99 -20.22 -21.29
N GLY A 108 -1.93 -20.81 -20.55
CA GLY A 108 -1.58 -21.52 -19.32
C GLY A 108 -0.95 -20.62 -18.26
N ARG A 109 -1.16 -19.30 -18.39
CA ARG A 109 -0.70 -18.33 -17.42
C ARG A 109 -1.95 -17.70 -16.78
N GLN A 110 -1.91 -17.57 -15.45
CA GLN A 110 -2.89 -16.80 -14.70
C GLN A 110 -3.00 -15.35 -15.21
N MET A 111 -4.19 -14.76 -15.07
CA MET A 111 -4.46 -13.37 -15.39
C MET A 111 -4.87 -12.63 -14.12
N TYR A 112 -4.26 -11.45 -13.88
CA TYR A 112 -4.42 -10.76 -12.62
C TYR A 112 -5.20 -9.47 -12.78
N VAL A 113 -5.98 -9.15 -11.74
CA VAL A 113 -6.47 -7.82 -11.43
C VAL A 113 -5.24 -6.95 -11.18
N ALA A 114 -5.11 -5.84 -11.91
CA ALA A 114 -3.96 -4.96 -11.74
C ALA A 114 -4.33 -3.50 -12.03
N LEU A 115 -3.73 -2.58 -11.27
CA LEU A 115 -3.90 -1.15 -11.54
C LEU A 115 -2.57 -0.57 -11.94
N ASN A 116 -2.55 0.04 -13.14
CA ASN A 116 -1.30 0.56 -13.66
C ASN A 116 -0.95 1.85 -12.90
N GLY A 117 0.17 2.46 -13.30
CA GLY A 117 0.77 3.60 -12.65
C GLY A 117 -0.05 4.87 -12.78
N LYS A 118 -0.94 4.94 -13.76
CA LYS A 118 -1.86 6.06 -13.81
C LYS A 118 -3.27 5.59 -13.40
N GLY A 119 -3.34 4.50 -12.64
CA GLY A 119 -4.58 4.13 -11.97
C GLY A 119 -5.59 3.44 -12.88
N ALA A 120 -5.17 2.99 -14.06
CA ALA A 120 -6.09 2.30 -14.94
C ALA A 120 -6.04 0.80 -14.71
N PRO A 121 -7.17 0.09 -14.93
CA PRO A 121 -7.17 -1.37 -14.98
C PRO A 121 -6.36 -1.90 -16.15
N ARG A 122 -5.70 -3.03 -15.97
CA ARG A 122 -4.91 -3.65 -17.00
C ARG A 122 -5.71 -4.75 -17.68
N ARG A 123 -5.34 -5.01 -18.96
CA ARG A 123 -5.84 -6.14 -19.74
C ARG A 123 -5.10 -7.35 -19.20
N GLY A 124 -5.87 -8.36 -18.78
CA GLY A 124 -5.36 -9.48 -18.00
C GLY A 124 -4.22 -10.24 -18.67
N GLN A 125 -4.20 -10.26 -20.02
CA GLN A 125 -3.18 -10.95 -20.82
C GLN A 125 -1.78 -10.39 -20.55
N LYS A 126 -1.70 -9.12 -20.16
CA LYS A 126 -0.44 -8.39 -20.04
C LYS A 126 0.13 -8.51 -18.61
N THR A 127 -0.61 -9.15 -17.67
CA THR A 127 -0.27 -9.13 -16.25
C THR A 127 0.52 -10.37 -15.85
N ARG A 128 1.44 -10.20 -14.89
CA ARG A 128 2.25 -11.24 -14.27
C ARG A 128 2.20 -11.11 -12.74
N ARG A 129 2.24 -12.24 -12.05
CA ARG A 129 2.16 -12.25 -10.60
C ARG A 129 3.21 -11.34 -9.95
N LYS A 130 4.42 -11.28 -10.53
CA LYS A 130 5.51 -10.49 -9.96
C LYS A 130 5.24 -8.99 -10.09
N ASN A 131 4.28 -8.59 -10.92
CA ASN A 131 4.07 -7.18 -11.17
C ASN A 131 3.63 -6.44 -9.92
N THR A 132 4.15 -5.22 -9.85
CA THR A 132 3.89 -4.32 -8.76
C THR A 132 2.43 -3.84 -8.85
N SER A 133 1.91 -3.63 -10.08
CA SER A 133 0.54 -3.25 -10.35
C SER A 133 -0.49 -4.27 -9.82
N ALA A 134 -0.05 -5.52 -9.69
CA ALA A 134 -0.91 -6.62 -9.32
C ALA A 134 -0.74 -6.97 -7.84
N HIS A 135 -0.15 -6.06 -7.07
CA HIS A 135 0.05 -6.33 -5.66
C HIS A 135 -0.90 -5.44 -4.85
N PHE A 136 -1.48 -6.00 -3.77
CA PHE A 136 -2.56 -5.34 -3.08
C PHE A 136 -2.37 -5.52 -1.58
N LEU A 137 -2.31 -4.38 -0.89
CA LEU A 137 -2.30 -4.33 0.56
C LEU A 137 -3.73 -4.09 1.02
N PRO A 138 -4.44 -5.13 1.53
CA PRO A 138 -5.80 -4.96 2.01
C PRO A 138 -5.75 -4.23 3.35
N MET A 139 -6.71 -3.33 3.54
CA MET A 139 -6.78 -2.46 4.70
C MET A 139 -8.17 -2.60 5.27
N VAL A 140 -8.28 -2.80 6.59
CA VAL A 140 -9.55 -3.08 7.25
C VAL A 140 -10.43 -1.84 7.20
N VAL A 141 -11.68 -1.96 6.73
CA VAL A 141 -12.69 -0.92 6.86
C VAL A 141 -13.39 -1.06 8.20
N HIS A 142 -13.67 0.09 8.87
CA HIS A 142 -14.64 0.24 9.95
C HIS A 142 -14.63 1.69 10.46
N HIS B 1 15.63 6.96 -27.67
CA HIS B 1 14.28 7.12 -28.28
C HIS B 1 13.42 8.08 -27.45
N VAL B 2 14.06 8.94 -26.66
CA VAL B 2 13.38 9.84 -25.73
C VAL B 2 12.76 9.06 -24.57
N ARG B 3 13.50 8.94 -23.47
CA ARG B 3 12.95 8.48 -22.20
C ARG B 3 11.77 9.37 -21.84
N SER B 4 10.71 8.76 -21.32
CA SER B 4 9.79 9.50 -20.49
C SER B 4 9.84 8.90 -19.08
N TYR B 5 9.64 9.78 -18.11
CA TYR B 5 10.00 9.53 -16.73
C TYR B 5 8.85 9.92 -15.82
N ASN B 6 8.74 9.31 -14.64
CA ASN B 6 7.63 9.64 -13.76
C ASN B 6 8.00 9.63 -12.28
N HIS B 7 9.13 9.04 -11.87
CA HIS B 7 9.41 8.90 -10.46
C HIS B 7 10.78 9.50 -10.11
N LEU B 8 11.33 10.32 -11.01
CA LEU B 8 12.54 11.09 -10.73
C LEU B 8 12.42 11.84 -9.40
N GLN B 9 13.54 11.90 -8.67
CA GLN B 9 13.66 12.48 -7.34
C GLN B 9 13.90 13.99 -7.43
N GLY B 10 13.29 14.73 -6.50
CA GLY B 10 13.39 16.17 -6.48
C GLY B 10 12.18 16.77 -5.80
N ASP B 11 11.06 16.85 -6.54
CA ASP B 11 9.85 17.46 -6.02
C ASP B 11 9.43 16.74 -4.75
N VAL B 12 9.01 17.58 -3.79
CA VAL B 12 8.44 17.14 -2.53
C VAL B 12 7.20 16.28 -2.78
N ARG B 13 6.93 15.38 -1.84
CA ARG B 13 5.80 14.48 -1.96
C ARG B 13 5.08 14.50 -0.62
N TRP B 14 3.77 14.75 -0.65
CA TRP B 14 2.95 14.77 0.54
C TRP B 14 2.30 13.39 0.66
N ARG B 15 2.62 12.69 1.76
CA ARG B 15 2.36 11.27 1.89
C ARG B 15 1.97 10.95 3.33
N LYS B 16 1.24 9.85 3.51
CA LYS B 16 1.35 9.06 4.72
C LYS B 16 2.29 7.90 4.43
N LEU B 17 2.89 7.33 5.47
CA LEU B 17 3.65 6.09 5.37
C LEU B 17 2.92 5.02 6.17
N PHE B 18 2.53 3.97 5.46
CA PHE B 18 1.72 2.90 6.00
C PHE B 18 2.60 1.67 6.17
N SER B 19 2.81 1.24 7.43
CA SER B 19 3.60 0.05 7.69
C SER B 19 2.86 -1.19 7.17
N PHE B 20 3.58 -2.30 6.98
CA PHE B 20 2.94 -3.56 6.68
C PHE B 20 2.40 -4.20 7.96
N THR B 21 2.85 -3.73 9.13
CA THR B 21 2.20 -4.04 10.38
C THR B 21 0.86 -3.31 10.53
N LYS B 22 0.47 -2.51 9.52
CA LYS B 22 -0.89 -1.99 9.34
C LYS B 22 -1.18 -0.74 10.18
N TYR B 23 -0.20 0.15 10.31
CA TYR B 23 -0.34 1.42 10.99
C TYR B 23 0.21 2.56 10.16
N PHE B 24 -0.40 3.75 10.28
CA PHE B 24 0.16 4.97 9.72
C PHE B 24 1.14 5.62 10.69
N LEU B 25 2.28 6.04 10.20
CA LEU B 25 3.32 6.62 11.04
C LEU B 25 2.96 8.07 11.39
N LYS B 26 3.02 8.42 12.68
CA LYS B 26 2.78 9.80 13.11
C LYS B 26 3.89 10.27 14.04
N ILE B 27 3.93 11.60 14.23
CA ILE B 27 4.73 12.23 15.26
C ILE B 27 3.83 13.22 16.00
N GLU B 28 3.56 12.92 17.28
CA GLU B 28 2.62 13.64 18.12
C GLU B 28 3.08 15.09 18.35
N LYS B 29 2.13 15.87 18.91
CA LYS B 29 2.36 17.18 19.49
C LYS B 29 3.72 17.25 20.19
N ASN B 30 4.10 16.20 20.91
CA ASN B 30 5.28 16.23 21.78
C ASN B 30 6.51 15.53 21.17
N GLY B 31 6.50 15.23 19.87
CA GLY B 31 7.69 14.67 19.22
C GLY B 31 7.88 13.16 19.47
N LYS B 32 6.82 12.47 19.89
CA LYS B 32 6.84 11.02 20.07
C LYS B 32 6.30 10.36 18.79
N VAL B 33 7.08 9.40 18.28
CA VAL B 33 6.83 8.71 17.03
C VAL B 33 6.07 7.42 17.34
N SER B 34 4.94 7.22 16.67
CA SER B 34 4.11 6.04 16.90
C SER B 34 3.35 5.69 15.61
N GLY B 35 2.62 4.57 15.65
CA GLY B 35 1.66 4.27 14.60
C GLY B 35 0.22 4.51 15.05
N THR B 36 -0.64 4.92 14.13
CA THR B 36 -2.08 4.91 14.34
C THR B 36 -2.75 4.02 13.30
N LYS B 37 -3.91 3.46 13.68
CA LYS B 37 -4.84 2.90 12.73
C LYS B 37 -5.81 3.95 12.17
N LYS B 38 -5.86 5.16 12.75
CA LYS B 38 -6.80 6.20 12.33
C LYS B 38 -6.46 6.70 10.92
N GLU B 39 -7.47 6.78 10.04
CA GLU B 39 -7.26 7.10 8.62
C GLU B 39 -7.23 8.61 8.40
N ASN B 40 -7.44 9.39 9.47
CA ASN B 40 -7.72 10.81 9.37
C ASN B 40 -6.94 11.60 10.43
N CYS B 41 -5.83 11.03 10.93
CA CYS B 41 -5.03 11.67 11.97
C CYS B 41 -4.11 12.69 11.31
N PRO B 42 -4.13 13.96 11.74
CA PRO B 42 -3.30 15.00 11.12
C PRO B 42 -1.81 14.95 11.44
N TYR B 43 -1.42 14.13 12.43
CA TYR B 43 -0.02 13.96 12.78
C TYR B 43 0.64 12.90 11.89
N SER B 44 -0.15 12.30 10.98
CA SER B 44 0.33 11.24 10.10
C SER B 44 0.63 11.79 8.72
N ILE B 45 0.34 13.08 8.52
CA ILE B 45 0.60 13.76 7.26
C ILE B 45 2.06 14.23 7.24
N LEU B 46 2.80 13.69 6.26
CA LEU B 46 4.24 13.86 6.19
C LEU B 46 4.58 14.61 4.92
N GLU B 47 5.69 15.32 4.98
CA GLU B 47 6.28 15.94 3.81
C GLU B 47 7.61 15.21 3.56
N ILE B 48 7.72 14.58 2.38
CA ILE B 48 8.93 13.85 2.03
C ILE B 48 9.70 14.63 0.99
N THR B 49 10.94 14.94 1.40
CA THR B 49 11.74 15.94 0.73
C THR B 49 13.03 15.25 0.33
N SER B 50 13.39 15.38 -0.94
CA SER B 50 14.63 14.82 -1.42
C SER B 50 15.73 15.78 -1.04
N VAL B 51 16.72 15.31 -0.27
CA VAL B 51 17.87 16.13 0.06
C VAL B 51 19.06 15.82 -0.83
N GLU B 52 19.33 14.54 -1.10
CA GLU B 52 20.29 14.17 -2.12
C GLU B 52 19.69 12.96 -2.84
N ILE B 53 20.27 12.63 -3.98
CA ILE B 53 19.99 11.35 -4.60
C ILE B 53 20.14 10.23 -3.58
N GLY B 54 19.04 9.48 -3.39
CA GLY B 54 18.98 8.36 -2.45
C GLY B 54 18.61 8.74 -1.01
N VAL B 55 18.44 10.05 -0.74
CA VAL B 55 18.22 10.51 0.63
C VAL B 55 17.01 11.43 0.74
N VAL B 56 16.22 11.18 1.79
CA VAL B 56 15.04 11.99 2.06
C VAL B 56 15.04 12.47 3.51
N ALA B 57 14.24 13.51 3.76
CA ALA B 57 13.84 13.90 5.11
C ALA B 57 12.33 13.78 5.20
N VAL B 58 11.83 13.30 6.34
CA VAL B 58 10.40 13.13 6.54
C VAL B 58 9.93 14.04 7.68
N LYS B 59 8.91 14.86 7.39
CA LYS B 59 8.48 15.91 8.31
C LYS B 59 7.00 15.74 8.56
N ALA B 60 6.62 15.53 9.83
CA ALA B 60 5.24 15.63 10.26
C ALA B 60 4.82 17.10 10.27
N ILE B 61 3.98 17.48 9.30
CA ILE B 61 3.66 18.87 9.02
C ILE B 61 2.97 19.49 10.25
N ASN B 62 2.00 18.80 10.82
CA ASN B 62 1.05 19.43 11.73
C ASN B 62 1.57 19.38 13.17
N SER B 63 2.82 18.93 13.34
CA SER B 63 3.50 19.03 14.62
C SER B 63 4.90 19.61 14.45
N ASN B 64 5.27 19.86 13.19
CA ASN B 64 6.54 20.47 12.82
C ASN B 64 7.70 19.65 13.42
N TYR B 65 7.76 18.35 13.10
CA TYR B 65 8.87 17.50 13.50
C TYR B 65 9.40 16.68 12.31
N TYR B 66 10.71 16.46 12.28
CA TYR B 66 11.36 15.55 11.34
C TYR B 66 11.42 14.19 12.00
N LEU B 67 11.30 13.14 11.18
CA LEU B 67 11.56 11.78 11.63
C LEU B 67 13.07 11.56 11.66
N ALA B 68 13.57 11.03 12.79
CA ALA B 68 15.00 10.90 13.03
C ALA B 68 15.30 9.62 13.78
N MET B 69 16.52 9.12 13.58
CA MET B 69 17.07 8.08 14.43
C MET B 69 18.51 8.42 14.80
N ASN B 70 18.83 8.31 16.09
CA ASN B 70 20.15 8.66 16.61
C ASN B 70 21.09 7.46 16.52
N LYS B 71 22.36 7.71 16.86
CA LYS B 71 23.41 6.69 16.84
C LYS B 71 23.00 5.47 17.66
N LYS B 72 22.32 5.68 18.80
CA LYS B 72 21.91 4.59 19.67
C LYS B 72 20.71 3.86 19.06
N GLY B 73 20.30 4.26 17.85
CA GLY B 73 19.29 3.52 17.11
C GLY B 73 17.88 3.90 17.53
N LYS B 74 17.74 5.04 18.21
CA LYS B 74 16.45 5.40 18.77
C LYS B 74 15.74 6.28 17.75
N LEU B 75 14.51 5.90 17.47
CA LEU B 75 13.66 6.58 16.52
C LEU B 75 12.94 7.71 17.25
N TYR B 76 13.15 8.97 16.84
CA TYR B 76 12.57 10.08 17.58
C TYR B 76 12.19 11.17 16.62
N GLY B 77 11.34 12.11 17.11
CA GLY B 77 10.95 13.32 16.40
C GLY B 77 11.91 14.47 16.72
N SER B 78 12.22 15.29 15.70
CA SER B 78 13.27 16.29 15.80
C SER B 78 12.79 17.59 15.20
N LYS B 79 12.93 18.66 15.96
CA LYS B 79 12.32 19.94 15.63
C LYS B 79 13.18 20.62 14.56
N GLU B 80 14.52 20.46 14.65
CA GLU B 80 15.47 20.99 13.66
C GLU B 80 16.05 19.83 12.83
N PHE B 81 16.15 20.05 11.51
CA PHE B 81 16.77 19.09 10.61
C PHE B 81 18.23 18.97 11.00
N ASN B 82 18.72 17.72 11.13
CA ASN B 82 20.14 17.45 11.27
C ASN B 82 20.42 16.09 10.63
N ASN B 83 21.63 15.58 10.79
CA ASN B 83 22.08 14.38 10.10
C ASN B 83 21.36 13.11 10.56
N ASP B 84 20.77 13.13 11.76
CA ASP B 84 19.94 12.02 12.23
C ASP B 84 18.61 11.98 11.47
N CYS B 85 18.32 12.99 10.64
CA CYS B 85 17.06 13.06 9.91
C CYS B 85 17.22 12.57 8.49
N LYS B 86 18.47 12.26 8.08
CA LYS B 86 18.73 11.79 6.73
C LYS B 86 18.37 10.32 6.63
N LEU B 87 17.57 9.93 5.62
CA LEU B 87 17.12 8.56 5.48
C LEU B 87 17.32 8.06 4.04
N LYS B 88 17.85 6.85 3.91
CA LYS B 88 17.99 6.17 2.64
C LYS B 88 16.63 5.56 2.31
N GLU B 89 15.94 6.16 1.32
CA GLU B 89 14.69 5.65 0.83
C GLU B 89 15.00 4.67 -0.31
N ARG B 90 14.41 3.47 -0.20
CA ARG B 90 14.81 2.31 -0.96
C ARG B 90 13.57 1.48 -1.27
N ILE B 91 13.50 0.93 -2.49
CA ILE B 91 12.35 0.17 -2.95
C ILE B 91 12.80 -1.25 -3.24
N GLU B 92 12.09 -2.21 -2.63
CA GLU B 92 12.44 -3.62 -2.57
C GLU B 92 11.77 -4.33 -3.74
N GLU B 93 12.17 -5.58 -4.03
CA GLU B 93 11.65 -6.28 -5.19
C GLU B 93 10.13 -6.30 -5.12
N ASN B 94 9.57 -6.60 -3.95
CA ASN B 94 8.15 -6.88 -3.87
C ASN B 94 7.36 -5.61 -4.12
N GLY B 95 8.00 -4.45 -3.91
CA GLY B 95 7.47 -3.15 -4.29
C GLY B 95 7.13 -2.27 -3.09
N TYR B 96 7.47 -2.65 -1.87
CA TYR B 96 7.30 -1.72 -0.76
C TYR B 96 8.63 -1.02 -0.49
N ASN B 97 8.60 -0.05 0.42
CA ASN B 97 9.70 0.84 0.66
C ASN B 97 10.33 0.53 2.01
N THR B 98 11.63 0.80 2.11
CA THR B 98 12.29 0.87 3.40
C THR B 98 12.94 2.25 3.53
N TYR B 99 13.09 2.67 4.82
CA TYR B 99 13.76 3.90 5.25
C TYR B 99 14.80 3.55 6.33
N ALA B 100 16.08 3.82 6.05
CA ALA B 100 17.19 3.46 6.91
C ALA B 100 18.00 4.69 7.26
N SER B 101 18.71 4.67 8.41
CA SER B 101 19.61 5.76 8.78
C SER B 101 20.71 5.95 7.72
N PHE B 102 20.94 7.20 7.31
CA PHE B 102 22.00 7.49 6.36
C PHE B 102 23.38 7.28 7.00
N ASN B 103 23.48 7.64 8.31
CA ASN B 103 24.73 7.71 9.03
C ASN B 103 24.94 6.50 9.93
N TRP B 104 23.87 5.98 10.52
CA TRP B 104 24.01 5.05 11.63
C TRP B 104 23.75 3.59 11.21
N GLN B 105 24.80 2.77 11.21
CA GLN B 105 24.72 1.34 11.00
C GLN B 105 25.00 0.64 12.33
N HIS B 106 24.85 -0.70 12.37
CA HIS B 106 25.12 -1.47 13.57
C HIS B 106 25.52 -2.90 13.19
N ASN B 107 26.73 -3.30 13.59
CA ASN B 107 27.30 -4.57 13.18
C ASN B 107 27.56 -4.54 11.68
N GLY B 108 27.89 -3.34 11.16
CA GLY B 108 28.00 -3.15 9.72
C GLY B 108 26.64 -3.08 9.01
N ARG B 109 25.69 -3.92 9.46
CA ARG B 109 24.30 -3.95 9.00
C ARG B 109 23.57 -2.62 9.23
N GLN B 110 22.54 -2.37 8.42
CA GLN B 110 21.80 -1.12 8.45
C GLN B 110 20.59 -1.17 9.37
N MET B 111 20.13 0.03 9.78
CA MET B 111 19.08 0.21 10.75
C MET B 111 17.87 0.90 10.10
N TYR B 112 16.69 0.30 10.31
CA TYR B 112 15.47 0.75 9.66
C TYR B 112 14.51 1.42 10.61
N VAL B 113 13.74 2.35 10.04
CA VAL B 113 12.50 2.83 10.63
C VAL B 113 11.51 1.67 10.62
N ALA B 114 10.77 1.45 11.72
CA ALA B 114 9.98 0.23 11.87
C ALA B 114 8.90 0.41 12.92
N LEU B 115 7.69 -0.08 12.60
CA LEU B 115 6.58 -0.13 13.52
C LEU B 115 6.09 -1.57 13.64
N ASN B 116 6.02 -2.03 14.90
CA ASN B 116 5.72 -3.42 15.22
C ASN B 116 4.22 -3.62 15.24
N GLY B 117 3.82 -4.83 15.68
CA GLY B 117 2.43 -5.26 15.65
C GLY B 117 1.52 -4.37 16.47
N LYS B 118 2.03 -3.83 17.57
CA LYS B 118 1.22 -2.91 18.37
C LYS B 118 1.57 -1.48 18.01
N GLY B 119 2.29 -1.29 16.90
CA GLY B 119 2.53 0.02 16.35
C GLY B 119 3.43 0.89 17.24
N ALA B 120 4.40 0.27 17.91
CA ALA B 120 5.42 1.04 18.61
C ALA B 120 6.67 1.17 17.73
N PRO B 121 7.39 2.30 17.85
CA PRO B 121 8.61 2.49 17.09
C PRO B 121 9.55 1.38 17.51
N ARG B 122 10.30 0.83 16.57
CA ARG B 122 11.16 -0.30 16.85
C ARG B 122 12.54 0.22 17.24
N ARG B 123 13.34 -0.64 17.86
CA ARG B 123 14.69 -0.31 18.27
C ARG B 123 15.58 -0.43 17.04
N GLY B 124 16.13 0.70 16.60
CA GLY B 124 17.14 0.71 15.54
C GLY B 124 17.80 -0.65 15.35
N GLN B 125 18.60 -1.07 16.35
CA GLN B 125 19.51 -2.20 16.20
C GLN B 125 18.72 -3.49 15.96
N LYS B 126 17.46 -3.57 16.40
CA LYS B 126 16.74 -4.84 16.37
C LYS B 126 15.95 -5.03 15.07
N THR B 127 16.16 -4.15 14.05
CA THR B 127 15.41 -4.21 12.79
C THR B 127 16.19 -4.94 11.68
N ARG B 128 15.42 -5.53 10.75
CA ARG B 128 15.96 -6.25 9.62
C ARG B 128 15.13 -5.91 8.37
N ARG B 129 15.83 -5.74 7.23
CA ARG B 129 15.25 -5.45 5.92
C ARG B 129 14.04 -6.32 5.62
N LYS B 130 14.20 -7.63 5.90
CA LYS B 130 13.18 -8.69 5.92
C LYS B 130 11.88 -8.28 6.63
N ASN B 131 11.99 -7.59 7.77
CA ASN B 131 10.88 -7.47 8.72
C ASN B 131 9.67 -6.76 8.13
N THR B 132 8.50 -7.39 8.33
CA THR B 132 7.23 -6.78 7.97
C THR B 132 7.14 -5.38 8.60
N SER B 133 7.59 -5.23 9.84
CA SER B 133 7.55 -3.95 10.54
C SER B 133 8.22 -2.80 9.76
N ALA B 134 9.21 -3.13 8.91
CA ALA B 134 10.12 -2.15 8.30
C ALA B 134 9.75 -1.83 6.85
N HIS B 135 8.59 -2.32 6.43
CA HIS B 135 8.09 -2.12 5.08
C HIS B 135 6.99 -1.06 5.12
N PHE B 136 7.06 -0.08 4.19
CA PHE B 136 6.02 0.94 4.09
C PHE B 136 5.56 1.09 2.64
N LEU B 137 4.30 1.48 2.49
CA LEU B 137 3.79 2.08 1.28
C LEU B 137 3.53 3.56 1.56
N PRO B 138 4.08 4.53 0.81
CA PRO B 138 3.62 5.92 0.93
C PRO B 138 2.25 6.03 0.26
N MET B 139 1.31 6.78 0.85
CA MET B 139 0.04 7.05 0.19
C MET B 139 -0.10 8.56 0.01
N VAL B 140 -0.64 8.96 -1.14
CA VAL B 140 -0.74 10.38 -1.48
C VAL B 140 -1.75 11.06 -0.56
N VAL B 141 -1.41 12.27 -0.12
CA VAL B 141 -2.31 13.20 0.55
C VAL B 141 -2.51 14.40 -0.36
N HIS B 142 -3.75 14.87 -0.49
CA HIS B 142 -4.15 15.88 -1.47
C HIS B 142 -3.79 17.27 -0.95
#